data_1J3M
#
_entry.id   1J3M
#
_cell.length_a   41.603
_cell.length_b   78.811
_cell.length_c   44.688
_cell.angle_alpha   90.00
_cell.angle_beta   116.64
_cell.angle_gamma   90.00
#
_symmetry.space_group_name_H-M   'P 1 21 1'
#
loop_
_entity.id
_entity.type
_entity.pdbx_description
1 polymer 'the conserved hypothetical protein TT1751'
2 non-polymer 'SULFITE ION'
3 water water
#
_entity_poly.entity_id   1
_entity_poly.type   'polypeptide(L)'
_entity_poly.pdbx_seq_one_letter_code
;MTGMRKTLKATLAEARAQVEAALKEEGFGILTEIDVAATLKAKLGLEKPPYLILGACNPNLAARALEALPEIGLLLPCNV
VLREAEEGVEVLIQDPKEMFRVLPEATQRALAPVAEEARTRLSRALSRL
;
_entity_poly.pdbx_strand_id   A,B
#
# COMPACT_ATOMS: atom_id res chain seq x y z
N GLY A 3 -0.05 16.43 -1.35
CA GLY A 3 0.81 16.74 -0.15
C GLY A 3 2.18 17.09 -0.70
N MET A 4 2.83 16.05 -1.23
CA MET A 4 4.00 16.10 -2.08
C MET A 4 3.48 15.67 -3.49
N ARG A 5 3.45 16.64 -4.40
CA ARG A 5 2.83 16.53 -5.72
C ARG A 5 3.69 17.38 -6.60
N LYS A 6 3.97 16.91 -7.80
CA LYS A 6 4.70 17.74 -8.77
C LYS A 6 4.28 17.25 -10.14
N THR A 7 4.08 18.19 -11.11
CA THR A 7 3.79 17.77 -12.52
C THR A 7 5.03 17.91 -13.31
N LEU A 8 5.41 16.88 -14.03
CA LEU A 8 6.58 16.89 -14.90
C LEU A 8 6.13 17.00 -16.38
N LYS A 9 6.91 17.75 -17.15
CA LYS A 9 6.73 17.82 -18.60
C LYS A 9 7.61 16.70 -19.11
N ALA A 10 7.03 15.49 -19.20
CA ALA A 10 7.83 14.30 -19.45
C ALA A 10 6.88 13.21 -19.92
N THR A 11 7.33 12.20 -20.64
CA THR A 11 6.37 11.15 -21.04
C THR A 11 6.24 10.29 -19.81
N LEU A 12 5.31 9.32 -19.83
CA LEU A 12 5.19 8.40 -18.73
C LEU A 12 6.48 7.70 -18.44
N ALA A 13 7.12 7.11 -19.47
CA ALA A 13 8.37 6.32 -19.25
C ALA A 13 9.46 7.18 -18.77
N GLU A 14 9.54 8.40 -19.26
CA GLU A 14 10.53 9.33 -18.73
C GLU A 14 10.30 9.63 -17.27
N ALA A 15 9.08 10.05 -16.92
CA ALA A 15 8.69 10.32 -15.52
C ALA A 15 9.00 9.13 -14.60
N ARG A 16 8.59 7.94 -15.04
CA ARG A 16 8.89 6.76 -14.26
C ARG A 16 10.38 6.49 -14.02
N ALA A 17 11.22 6.61 -15.05
CA ALA A 17 12.67 6.51 -14.82
C ALA A 17 13.24 7.62 -13.96
N GLN A 18 12.81 8.85 -14.14
CA GLN A 18 13.31 9.87 -13.27
C GLN A 18 12.87 9.66 -11.79
N VAL A 19 11.60 9.29 -11.57
CA VAL A 19 11.14 8.90 -10.21
C VAL A 19 11.98 7.77 -9.59
N GLU A 20 12.11 6.63 -10.29
CA GLU A 20 12.92 5.54 -9.77
C GLU A 20 14.31 6.12 -9.44
N ALA A 21 14.86 6.96 -10.31
CA ALA A 21 16.23 7.40 -10.05
C ALA A 21 16.34 8.37 -8.88
N ALA A 22 15.43 9.33 -8.79
CA ALA A 22 15.45 10.23 -7.63
C ALA A 22 15.22 9.47 -6.28
N LEU A 23 14.28 8.54 -6.27
CA LEU A 23 14.07 7.66 -5.06
C LEU A 23 15.33 6.87 -4.71
N LYS A 24 15.97 6.26 -5.70
CA LYS A 24 17.14 5.43 -5.41
C LYS A 24 18.25 6.28 -4.82
N GLU A 25 18.40 7.52 -5.26
CA GLU A 25 19.38 8.44 -4.61
C GLU A 25 19.13 8.62 -3.12
N GLU A 26 17.89 8.39 -2.67
CA GLU A 26 17.51 8.68 -1.27
C GLU A 26 17.26 7.40 -0.47
N GLY A 27 17.58 6.24 -1.05
CA GLY A 27 17.60 5.03 -0.30
C GLY A 27 16.31 4.24 -0.48
N PHE A 28 15.43 4.70 -1.39
CA PHE A 28 14.14 4.05 -1.61
C PHE A 28 14.15 3.26 -2.90
N GLY A 29 13.89 1.96 -2.81
CA GLY A 29 13.81 1.09 -3.98
C GLY A 29 12.35 0.83 -4.27
N ILE A 30 12.01 0.42 -5.49
CA ILE A 30 10.62 0.10 -5.87
C ILE A 30 10.42 -1.35 -5.68
N LEU A 31 9.43 -1.74 -4.86
CA LEU A 31 9.16 -3.13 -4.55
C LEU A 31 7.97 -3.72 -5.35
N THR A 32 6.97 -2.90 -5.63
CA THR A 32 5.74 -3.35 -6.31
C THR A 32 5.38 -2.32 -7.40
N GLU A 33 4.55 -2.76 -8.33
CA GLU A 33 4.02 -1.83 -9.31
C GLU A 33 2.69 -2.34 -9.73
N ILE A 34 1.72 -1.45 -9.80
CA ILE A 34 0.41 -1.77 -10.37
C ILE A 34 0.14 -0.76 -11.46
N ASP A 35 -0.11 -1.28 -12.65
CA ASP A 35 -0.62 -0.43 -13.74
C ASP A 35 -2.12 -0.36 -13.58
N VAL A 36 -2.66 0.78 -13.13
CA VAL A 36 -4.08 0.84 -12.78
C VAL A 36 -4.97 0.82 -14.06
N ALA A 37 -4.58 1.57 -15.11
CA ALA A 37 -5.28 1.56 -16.42
C ALA A 37 -5.30 0.14 -17.03
N ALA A 38 -4.17 -0.54 -17.11
CA ALA A 38 -4.15 -1.92 -17.63
C ALA A 38 -4.96 -2.94 -16.78
N THR A 39 -4.97 -2.80 -15.46
CA THR A 39 -5.72 -3.78 -14.75
C THR A 39 -7.22 -3.45 -14.77
N LEU A 40 -7.61 -2.17 -14.84
CA LEU A 40 -9.05 -1.87 -15.02
C LEU A 40 -9.59 -2.29 -16.38
N LYS A 41 -8.71 -2.26 -17.39
CA LYS A 41 -9.06 -2.78 -18.70
C LYS A 41 -9.25 -4.31 -18.70
N ALA A 42 -8.25 -5.06 -18.21
CA ALA A 42 -8.29 -6.52 -18.12
C ALA A 42 -9.44 -7.07 -17.34
N LYS A 43 -9.75 -6.43 -16.19
CA LYS A 43 -10.81 -6.92 -15.30
C LYS A 43 -12.20 -6.37 -15.61
N LEU A 44 -12.30 -5.10 -15.98
CA LEU A 44 -13.60 -4.47 -16.11
C LEU A 44 -13.94 -4.07 -17.55
N GLY A 45 -12.95 -4.07 -18.45
CA GLY A 45 -13.15 -3.61 -19.83
C GLY A 45 -13.12 -2.09 -19.95
N LEU A 46 -12.61 -1.41 -18.92
CA LEU A 46 -12.59 0.05 -18.89
C LEU A 46 -11.34 0.60 -19.57
N GLU A 47 -11.51 1.78 -20.17
CA GLU A 47 -10.48 2.51 -20.86
C GLU A 47 -10.22 3.79 -20.09
N LYS A 48 -9.07 3.83 -19.43
CA LYS A 48 -8.69 4.95 -18.60
C LYS A 48 -7.29 5.47 -18.99
N PRO A 49 -7.00 6.73 -18.70
CA PRO A 49 -5.68 7.23 -19.03
C PRO A 49 -4.58 6.65 -18.13
N PRO A 50 -3.33 6.76 -18.55
CA PRO A 50 -2.18 6.25 -17.79
C PRO A 50 -2.24 6.62 -16.29
N TYR A 51 -1.98 5.64 -15.46
CA TYR A 51 -1.99 5.75 -13.97
C TYR A 51 -1.23 4.56 -13.42
N LEU A 52 -0.11 4.80 -12.78
CA LEU A 52 0.68 3.72 -12.15
C LEU A 52 0.75 3.93 -10.66
N ILE A 53 0.84 2.85 -9.91
CA ILE A 53 1.12 2.95 -8.44
C ILE A 53 2.34 2.16 -8.21
N LEU A 54 3.37 2.83 -7.68
CA LEU A 54 4.63 2.13 -7.35
C LEU A 54 4.70 2.03 -5.80
N GLY A 55 5.18 0.93 -5.24
CA GLY A 55 5.25 0.76 -3.76
C GLY A 55 6.76 0.88 -3.49
N ALA A 56 7.20 1.94 -2.89
CA ALA A 56 8.63 2.16 -2.67
C ALA A 56 8.96 2.05 -1.20
N CYS A 57 10.19 1.66 -0.89
CA CYS A 57 10.59 1.25 0.44
C CYS A 57 12.08 1.51 0.68
N ASN A 58 12.43 2.11 1.79
CA ASN A 58 13.79 2.06 2.37
C ASN A 58 13.88 0.90 3.37
N PRO A 59 14.65 -0.15 3.11
CA PRO A 59 14.64 -1.32 3.99
C PRO A 59 15.01 -0.98 5.46
N ASN A 60 15.94 -0.06 5.69
CA ASN A 60 16.36 0.21 7.06
C ASN A 60 15.21 0.84 7.86
N LEU A 61 14.55 1.84 7.30
CA LEU A 61 13.44 2.55 7.98
C LEU A 61 12.22 1.63 8.11
N ALA A 62 11.96 0.84 7.07
CA ALA A 62 10.92 -0.22 7.18
C ALA A 62 11.20 -1.23 8.28
N ALA A 63 12.44 -1.74 8.36
CA ALA A 63 12.74 -2.73 9.35
C ALA A 63 12.57 -2.13 10.73
N ARG A 64 12.99 -0.86 10.86
CA ARG A 64 12.83 -0.21 12.16
C ARG A 64 11.38 -0.02 12.55
N ALA A 65 10.56 0.40 11.62
CA ALA A 65 9.16 0.55 11.93
C ALA A 65 8.48 -0.79 12.32
N LEU A 66 8.76 -1.85 11.56
CA LEU A 66 8.16 -3.18 11.77
C LEU A 66 8.66 -3.82 13.10
N GLU A 67 9.89 -3.54 13.47
CA GLU A 67 10.41 -3.97 14.74
C GLU A 67 9.66 -3.30 15.95
N ALA A 68 9.47 -1.99 15.94
CA ALA A 68 8.61 -1.30 16.92
C ALA A 68 7.12 -1.71 16.95
N LEU A 69 6.54 -1.96 15.77
CA LEU A 69 5.09 -2.19 15.60
C LEU A 69 4.82 -3.11 14.38
N PRO A 70 4.77 -4.41 14.66
CA PRO A 70 4.67 -5.44 13.59
C PRO A 70 3.45 -5.26 12.67
N GLU A 71 2.35 -4.75 13.18
CA GLU A 71 1.19 -4.52 12.31
C GLU A 71 1.35 -3.37 11.32
N ILE A 72 2.51 -2.70 11.34
CA ILE A 72 2.70 -1.48 10.52
C ILE A 72 2.86 -1.88 9.07
N GLY A 73 3.03 -3.16 8.84
CA GLY A 73 3.04 -3.67 7.49
C GLY A 73 1.80 -3.38 6.70
N LEU A 74 0.72 -3.18 7.41
CA LEU A 74 -0.55 -2.78 6.80
C LEU A 74 -0.49 -1.41 6.11
N LEU A 75 0.48 -0.59 6.51
CA LEU A 75 0.61 0.72 5.92
C LEU A 75 1.95 0.80 5.16
N LEU A 76 2.53 -0.33 4.74
CA LEU A 76 3.76 -0.25 3.89
C LEU A 76 3.43 -0.88 2.55
N PRO A 77 4.09 -0.56 1.46
CA PRO A 77 5.24 0.37 1.35
C PRO A 77 4.72 1.80 1.16
N CYS A 78 5.60 2.78 0.92
CA CYS A 78 5.17 4.14 0.55
C CYS A 78 4.66 4.24 -0.92
N ASN A 79 3.39 4.60 -1.16
CA ASN A 79 2.90 4.62 -2.56
C ASN A 79 3.38 5.86 -3.27
N VAL A 80 3.68 5.69 -4.57
CA VAL A 80 4.02 6.82 -5.48
C VAL A 80 3.11 6.71 -6.66
N VAL A 81 2.27 7.70 -6.89
CA VAL A 81 1.40 7.65 -8.05
C VAL A 81 2.02 8.48 -9.16
N LEU A 82 1.96 7.93 -10.37
CA LEU A 82 2.28 8.66 -11.60
C LEU A 82 1.04 8.56 -12.47
N ARG A 83 0.51 9.70 -12.87
CA ARG A 83 -0.68 9.68 -13.67
C ARG A 83 -0.62 10.73 -14.77
N GLU A 84 -1.31 10.45 -15.86
CA GLU A 84 -1.39 11.46 -16.95
C GLU A 84 -2.10 12.71 -16.46
N ALA A 85 -1.52 13.90 -16.69
CA ALA A 85 -2.21 15.16 -16.43
C ALA A 85 -2.20 16.00 -17.71
N GLU A 86 -2.90 17.13 -17.69
CA GLU A 86 -2.96 18.04 -18.84
C GLU A 86 -1.57 18.49 -19.23
N GLU A 87 -0.84 18.94 -18.21
CA GLU A 87 0.47 19.56 -18.35
C GLU A 87 1.62 18.53 -18.28
N GLY A 88 1.26 17.24 -18.25
CA GLY A 88 2.19 16.14 -18.53
C GLY A 88 1.92 14.93 -17.64
N VAL A 89 2.87 14.59 -16.75
CA VAL A 89 2.68 13.54 -15.76
C VAL A 89 2.83 14.05 -14.31
N GLU A 90 1.78 13.82 -13.55
CA GLU A 90 1.73 14.21 -12.12
C GLU A 90 2.24 13.07 -11.24
N VAL A 91 3.18 13.43 -10.38
CA VAL A 91 3.79 12.51 -9.47
C VAL A 91 3.24 12.86 -8.08
N LEU A 92 2.72 11.88 -7.34
CA LEU A 92 2.22 12.12 -5.97
C LEU A 92 2.89 11.09 -5.07
N ILE A 93 3.37 11.51 -3.94
CA ILE A 93 4.05 10.62 -3.06
C ILE A 93 3.33 10.68 -1.71
N GLN A 94 3.02 9.51 -1.19
CA GLN A 94 2.39 9.34 0.12
C GLN A 94 3.31 9.88 1.20
N ASP A 95 2.73 10.68 2.08
CA ASP A 95 3.49 11.26 3.14
C ASP A 95 3.34 10.30 4.34
N PRO A 96 4.45 9.73 4.84
CA PRO A 96 4.43 8.74 5.93
C PRO A 96 3.83 9.20 7.24
N LYS A 97 4.06 10.47 7.53
CA LYS A 97 3.55 11.19 8.71
C LYS A 97 2.03 11.19 8.66
N GLU A 98 1.47 11.51 7.47
CA GLU A 98 0.05 11.51 7.20
C GLU A 98 -0.52 10.08 7.31
N MET A 99 0.21 9.08 6.81
CA MET A 99 -0.32 7.69 6.76
C MET A 99 -0.34 7.04 8.16
N PHE A 100 0.58 7.45 9.03
CA PHE A 100 0.57 6.94 10.40
C PHE A 100 -0.60 7.56 11.22
N ARG A 101 -1.31 8.58 10.70
CA ARG A 101 -2.38 9.16 11.51
C ARG A 101 -3.50 8.17 11.66
N VAL A 102 -3.52 7.05 10.91
CA VAL A 102 -4.53 6.06 11.30
C VAL A 102 -4.28 5.39 12.66
N LEU A 103 -3.06 5.54 13.21
CA LEU A 103 -2.62 4.87 14.43
C LEU A 103 -2.98 5.73 15.69
N PRO A 104 -3.06 5.11 16.86
CA PRO A 104 -3.20 5.89 18.09
C PRO A 104 -2.10 6.96 18.18
N GLU A 105 -2.38 8.10 18.80
CA GLU A 105 -1.41 9.19 18.91
C GLU A 105 -0.10 8.69 19.59
N ALA A 106 -0.20 7.82 20.60
CA ALA A 106 1.05 7.41 21.25
C ALA A 106 1.94 6.62 20.28
N THR A 107 1.30 5.88 19.39
CA THR A 107 2.07 5.06 18.45
C THR A 107 2.70 5.98 17.36
N GLN A 108 1.99 7.02 16.98
CA GLN A 108 2.53 8.01 16.04
C GLN A 108 3.73 8.69 16.68
N ARG A 109 3.67 9.02 17.97
CA ARG A 109 4.87 9.52 18.67
C ARG A 109 6.03 8.52 18.65
N ALA A 110 5.71 7.25 18.83
CA ALA A 110 6.74 6.24 18.85
C ALA A 110 7.39 6.07 17.45
N LEU A 111 6.62 6.36 16.38
CA LEU A 111 7.12 6.15 15.04
C LEU A 111 7.62 7.45 14.43
N ALA A 112 7.46 8.56 15.13
CA ALA A 112 7.75 9.87 14.52
C ALA A 112 9.14 9.99 13.95
N PRO A 113 10.21 9.53 14.62
CA PRO A 113 11.55 9.71 14.04
C PRO A 113 11.69 8.99 12.72
N VAL A 114 11.08 7.83 12.58
CA VAL A 114 11.19 7.12 11.31
C VAL A 114 10.39 7.83 10.22
N ALA A 115 9.16 8.23 10.54
CA ALA A 115 8.29 8.94 9.57
C ALA A 115 8.90 10.25 9.09
N GLU A 116 9.57 10.96 9.99
CA GLU A 116 10.27 12.21 9.64
C GLU A 116 11.40 12.04 8.72
N GLU A 117 12.27 11.05 9.03
CA GLU A 117 13.36 10.64 8.16
C GLU A 117 12.84 10.18 6.79
N ALA A 118 11.84 9.26 6.76
CA ALA A 118 11.23 8.90 5.47
C ALA A 118 10.67 10.17 4.73
N ARG A 119 9.93 11.00 5.41
CA ARG A 119 9.31 12.14 4.70
C ARG A 119 10.40 13.02 4.13
N THR A 120 11.47 13.26 4.88
CA THR A 120 12.57 14.08 4.36
C THR A 120 13.27 13.50 3.11
N ARG A 121 13.53 12.20 3.12
CA ARG A 121 14.11 11.57 1.95
C ARG A 121 13.15 11.64 0.76
N LEU A 122 11.85 11.51 1.01
CA LEU A 122 10.84 11.44 -0.07
C LEU A 122 10.68 12.84 -0.66
N SER A 123 10.61 13.87 0.20
CA SER A 123 10.47 15.25 -0.29
C SER A 123 11.70 15.73 -1.06
N ARG A 124 12.90 15.33 -0.59
CA ARG A 124 14.14 15.46 -1.37
C ARG A 124 14.06 14.82 -2.77
N ALA A 125 13.57 13.58 -2.86
CA ALA A 125 13.47 12.95 -4.19
C ALA A 125 12.57 13.79 -5.11
N LEU A 126 11.43 14.21 -4.58
CA LEU A 126 10.43 14.94 -5.33
C LEU A 126 10.95 16.26 -5.81
N SER A 127 11.63 16.97 -4.92
CA SER A 127 12.27 18.24 -5.23
C SER A 127 13.32 18.16 -6.33
N ARG A 128 13.82 16.97 -6.65
CA ARG A 128 14.86 16.84 -7.67
C ARG A 128 14.29 16.50 -9.04
N LEU A 129 13.02 16.13 -9.07
CA LEU A 129 12.32 15.96 -10.30
C LEU A 129 12.06 17.34 -10.95
N GLY B 3 -7.19 -3.13 12.98
CA GLY B 3 -8.35 -4.10 13.16
C GLY B 3 -8.41 -5.12 12.02
N MET B 4 -9.29 -6.14 12.19
CA MET B 4 -9.41 -7.37 11.33
C MET B 4 -8.18 -8.33 11.33
N ARG B 5 -8.15 -9.23 12.32
CA ARG B 5 -7.02 -10.15 12.51
C ARG B 5 -7.50 -11.46 13.06
N LYS B 6 -6.82 -12.53 12.67
CA LYS B 6 -7.15 -13.88 13.03
C LYS B 6 -5.81 -14.54 12.96
N THR B 7 -5.61 -15.49 13.86
CA THR B 7 -4.42 -16.32 13.86
C THR B 7 -4.75 -17.70 13.39
N LEU B 8 -4.02 -18.17 12.41
CA LEU B 8 -4.25 -19.48 11.88
C LEU B 8 -3.18 -20.41 12.40
N LYS B 9 -3.67 -21.48 13.03
CA LYS B 9 -2.90 -22.64 13.42
C LYS B 9 -2.50 -23.36 12.15
N ALA B 10 -1.49 -22.81 11.46
CA ALA B 10 -1.04 -23.33 10.15
C ALA B 10 0.32 -22.81 9.73
N THR B 11 0.88 -23.36 8.65
CA THR B 11 2.12 -22.87 8.06
C THR B 11 1.87 -21.56 7.31
N LEU B 12 2.95 -20.95 6.79
CA LEU B 12 2.82 -19.70 6.04
C LEU B 12 2.28 -19.93 4.63
N ALA B 13 2.70 -21.02 3.97
CA ALA B 13 2.20 -21.30 2.61
C ALA B 13 0.77 -21.90 2.64
N GLU B 14 0.45 -22.69 3.68
CA GLU B 14 -0.95 -23.05 3.94
C GLU B 14 -1.74 -21.78 4.19
N ALA B 15 -1.21 -20.85 4.97
CA ALA B 15 -2.00 -19.65 5.21
C ALA B 15 -2.15 -18.78 3.91
N ARG B 16 -1.12 -18.73 3.05
CA ARG B 16 -1.18 -17.92 1.81
C ARG B 16 -2.14 -18.48 0.74
N ALA B 17 -2.13 -19.81 0.57
CA ALA B 17 -2.94 -20.48 -0.44
C ALA B 17 -4.36 -20.29 -0.05
N GLN B 18 -4.60 -20.35 1.25
CA GLN B 18 -5.90 -20.24 1.89
C GLN B 18 -6.50 -18.84 1.89
N VAL B 19 -5.66 -17.84 2.17
CA VAL B 19 -6.15 -16.47 2.29
C VAL B 19 -6.54 -16.00 0.88
N GLU B 20 -5.74 -16.35 -0.10
CA GLU B 20 -5.94 -16.04 -1.53
C GLU B 20 -7.24 -16.63 -2.06
N ALA B 21 -7.56 -17.86 -1.62
CA ALA B 21 -8.81 -18.53 -1.98
C ALA B 21 -10.00 -17.84 -1.35
N ALA B 22 -9.91 -17.52 -0.06
CA ALA B 22 -11.00 -16.83 0.64
C ALA B 22 -11.24 -15.41 0.10
N LEU B 23 -10.16 -14.74 -0.34
CA LEU B 23 -10.32 -13.36 -0.92
C LEU B 23 -11.01 -13.48 -2.28
N LYS B 24 -10.55 -14.40 -3.13
CA LYS B 24 -11.12 -14.64 -4.46
C LYS B 24 -12.63 -14.91 -4.38
N GLU B 25 -13.05 -15.69 -3.41
CA GLU B 25 -14.45 -15.96 -3.18
C GLU B 25 -15.22 -14.69 -2.98
N GLU B 26 -14.56 -13.69 -2.37
CA GLU B 26 -15.21 -12.43 -2.12
C GLU B 26 -14.92 -11.28 -3.14
N GLY B 27 -14.33 -11.61 -4.28
CA GLY B 27 -14.12 -10.66 -5.39
C GLY B 27 -12.82 -9.81 -5.33
N PHE B 28 -11.88 -10.24 -4.50
CA PHE B 28 -10.61 -9.55 -4.26
C PHE B 28 -9.54 -10.45 -4.77
N GLY B 29 -8.79 -9.99 -5.75
CA GLY B 29 -7.61 -10.70 -6.21
C GLY B 29 -6.31 -10.10 -5.72
N ILE B 30 -5.21 -10.84 -5.78
CA ILE B 30 -3.95 -10.32 -5.28
C ILE B 30 -3.18 -9.63 -6.41
N LEU B 31 -2.93 -8.32 -6.32
CA LEU B 31 -2.21 -7.60 -7.38
C LEU B 31 -0.71 -7.55 -7.18
N THR B 32 -0.33 -7.41 -5.91
CA THR B 32 1.07 -7.44 -5.51
C THR B 32 1.37 -8.27 -4.29
N GLU B 33 2.66 -8.54 -4.10
CA GLU B 33 3.12 -9.28 -2.95
C GLU B 33 4.56 -8.87 -2.65
N ILE B 34 4.86 -8.71 -1.36
CA ILE B 34 6.24 -8.40 -0.96
C ILE B 34 6.57 -9.42 0.08
N ASP B 35 7.64 -10.18 -0.09
CA ASP B 35 8.12 -11.01 1.01
C ASP B 35 9.02 -10.12 1.88
N VAL B 36 8.55 -9.73 3.07
CA VAL B 36 9.25 -8.70 3.85
C VAL B 36 10.51 -9.37 4.41
N ALA B 37 10.39 -10.62 4.86
CA ALA B 37 11.55 -11.27 5.48
C ALA B 37 12.65 -11.47 4.46
N ALA B 38 12.31 -11.83 3.22
CA ALA B 38 13.32 -12.08 2.21
C ALA B 38 13.90 -10.80 1.69
N THR B 39 13.11 -9.74 1.55
CA THR B 39 13.71 -8.49 1.12
C THR B 39 14.61 -7.79 2.18
N LEU B 40 14.30 -7.97 3.46
CA LEU B 40 15.12 -7.34 4.49
C LEU B 40 16.41 -8.11 4.68
N LYS B 41 16.33 -9.45 4.53
CA LYS B 41 17.54 -10.30 4.52
C LYS B 41 18.43 -9.89 3.32
N ALA B 42 17.84 -9.81 2.14
CA ALA B 42 18.59 -9.43 0.95
C ALA B 42 19.27 -8.06 1.04
N LYS B 43 18.59 -7.12 1.62
CA LYS B 43 19.08 -5.75 1.60
C LYS B 43 19.99 -5.44 2.75
N LEU B 44 19.67 -6.04 3.88
CA LEU B 44 20.24 -5.65 5.14
C LEU B 44 21.10 -6.73 5.73
N GLY B 45 20.92 -7.97 5.23
CA GLY B 45 21.66 -9.09 5.77
C GLY B 45 21.12 -9.59 7.09
N LEU B 46 19.92 -9.21 7.45
CA LEU B 46 19.42 -9.71 8.73
C LEU B 46 18.34 -10.77 8.55
N GLU B 47 18.38 -11.83 9.34
CA GLU B 47 17.33 -12.85 9.34
C GLU B 47 16.16 -12.26 10.08
N LYS B 48 15.00 -12.20 9.43
CA LYS B 48 13.76 -11.76 10.06
C LYS B 48 12.70 -12.85 9.97
N PRO B 49 11.76 -12.88 10.90
CA PRO B 49 10.66 -13.88 10.94
C PRO B 49 9.72 -13.76 9.73
N PRO B 50 9.15 -14.88 9.26
CA PRO B 50 8.27 -14.86 8.09
C PRO B 50 7.24 -13.72 8.12
N TYR B 51 7.18 -12.97 7.02
CA TYR B 51 6.30 -11.79 6.95
C TYR B 51 5.99 -11.43 5.51
N LEU B 52 4.71 -11.50 5.15
CA LEU B 52 4.27 -11.23 3.78
C LEU B 52 3.28 -10.07 3.75
N ILE B 53 3.37 -9.23 2.70
CA ILE B 53 2.36 -8.17 2.42
C ILE B 53 1.80 -8.41 1.02
N LEU B 54 0.50 -8.64 0.97
CA LEU B 54 -0.28 -8.98 -0.21
C LEU B 54 -1.13 -7.75 -0.46
N GLY B 55 -1.08 -7.21 -1.68
CA GLY B 55 -1.99 -6.16 -2.05
C GLY B 55 -3.23 -6.71 -2.75
N ALA B 56 -4.38 -6.63 -2.07
CA ALA B 56 -5.64 -7.20 -2.59
C ALA B 56 -6.51 -6.07 -3.09
N CYS B 57 -7.25 -6.35 -4.13
CA CYS B 57 -8.08 -5.34 -4.73
C CYS B 57 -9.35 -5.96 -5.31
N ASN B 58 -10.48 -5.29 -5.15
CA ASN B 58 -11.68 -5.56 -5.93
C ASN B 58 -11.75 -4.47 -7.01
N PRO B 59 -11.61 -4.80 -8.30
CA PRO B 59 -11.58 -3.78 -9.39
C PRO B 59 -12.78 -2.84 -9.43
N ASN B 60 -14.01 -3.34 -9.25
CA ASN B 60 -15.18 -2.42 -9.22
C ASN B 60 -15.15 -1.43 -8.10
N LEU B 61 -14.78 -1.88 -6.90
CA LEU B 61 -14.69 -0.93 -5.76
C LEU B 61 -13.54 0.06 -5.92
N ALA B 62 -12.38 -0.43 -6.43
CA ALA B 62 -11.23 0.48 -6.68
C ALA B 62 -11.58 1.54 -7.73
N ALA B 63 -12.19 1.08 -8.80
CA ALA B 63 -12.63 2.00 -9.90
C ALA B 63 -13.58 3.09 -9.35
N ARG B 64 -14.58 2.72 -8.55
CA ARG B 64 -15.43 3.78 -7.93
C ARG B 64 -14.68 4.68 -6.92
N ALA B 65 -13.75 4.09 -6.19
CA ALA B 65 -12.99 4.89 -5.23
C ALA B 65 -12.17 5.97 -6.00
N LEU B 66 -11.56 5.57 -7.09
CA LEU B 66 -10.77 6.46 -7.93
C LEU B 66 -11.55 7.58 -8.65
N GLU B 67 -12.82 7.34 -8.95
CA GLU B 67 -13.76 8.41 -9.37
C GLU B 67 -14.11 9.43 -8.27
N ALA B 68 -14.36 8.95 -7.04
CA ALA B 68 -14.58 9.86 -5.92
C ALA B 68 -13.36 10.73 -5.61
N LEU B 69 -12.18 10.10 -5.62
CA LEU B 69 -10.91 10.76 -5.34
C LEU B 69 -9.73 10.20 -6.18
N PRO B 70 -9.39 10.87 -7.27
CA PRO B 70 -8.30 10.44 -8.17
C PRO B 70 -6.98 10.08 -7.47
N GLU B 71 -6.67 10.78 -6.41
CA GLU B 71 -5.45 10.63 -5.64
C GLU B 71 -5.53 9.48 -4.62
N ILE B 72 -6.66 8.74 -4.56
CA ILE B 72 -6.78 7.63 -3.62
C ILE B 72 -5.83 6.47 -3.98
N GLY B 73 -5.26 6.48 -5.19
CA GLY B 73 -4.23 5.50 -5.53
C GLY B 73 -3.07 5.54 -4.51
N LEU B 74 -2.85 6.66 -3.81
CA LEU B 74 -1.87 6.66 -2.74
C LEU B 74 -2.17 5.72 -1.52
N LEU B 75 -3.41 5.23 -1.45
CA LEU B 75 -3.88 4.39 -0.33
C LEU B 75 -4.19 2.93 -0.79
N LEU B 76 -4.25 2.70 -2.10
CA LEU B 76 -4.59 1.39 -2.65
C LEU B 76 -3.35 0.54 -2.92
N PRO B 77 -3.43 -0.77 -2.95
CA PRO B 77 -4.64 -1.53 -2.73
C PRO B 77 -4.77 -1.84 -1.23
N CYS B 78 -5.63 -2.78 -0.90
CA CYS B 78 -5.92 -3.06 0.50
C CYS B 78 -4.86 -4.07 0.95
N ASN B 79 -4.02 -3.71 1.94
CA ASN B 79 -3.00 -4.62 2.42
C ASN B 79 -3.54 -5.79 3.27
N VAL B 80 -3.03 -7.01 2.98
CA VAL B 80 -3.22 -8.19 3.79
C VAL B 80 -1.84 -8.70 4.26
N VAL B 81 -1.66 -8.76 5.56
CA VAL B 81 -0.36 -9.20 6.14
C VAL B 81 -0.49 -10.66 6.55
N LEU B 82 0.48 -11.52 6.25
CA LEU B 82 0.54 -12.81 6.95
C LEU B 82 1.88 -12.82 7.60
N ARG B 83 1.91 -13.07 8.93
CA ARG B 83 3.13 -13.01 9.67
C ARG B 83 3.25 -14.13 10.69
N GLU B 84 4.44 -14.70 10.80
CA GLU B 84 4.71 -15.59 11.92
C GLU B 84 4.36 -14.90 13.20
N ALA B 85 3.47 -15.49 13.96
CA ALA B 85 3.15 -14.88 15.22
C ALA B 85 3.50 -15.88 16.33
N GLU B 86 3.09 -15.54 17.55
CA GLU B 86 3.27 -16.43 18.70
C GLU B 86 2.49 -17.77 18.54
N GLU B 87 1.16 -17.70 18.45
CA GLU B 87 0.36 -18.92 18.37
C GLU B 87 -0.07 -19.34 16.97
N GLY B 88 0.84 -19.20 15.99
CA GLY B 88 0.63 -19.57 14.58
C GLY B 88 0.98 -18.48 13.55
N VAL B 89 0.20 -18.42 12.46
CA VAL B 89 0.32 -17.37 11.43
C VAL B 89 -0.84 -16.43 11.53
N GLU B 90 -0.54 -15.16 11.83
CA GLU B 90 -1.58 -14.15 12.02
C GLU B 90 -1.87 -13.50 10.65
N VAL B 91 -3.14 -13.44 10.32
CA VAL B 91 -3.58 -12.72 9.10
C VAL B 91 -4.17 -11.41 9.62
N LEU B 92 -3.71 -10.30 9.05
CA LEU B 92 -4.26 -8.97 9.32
C LEU B 92 -4.78 -8.36 8.03
N ILE B 93 -5.96 -7.76 8.08
CA ILE B 93 -6.51 -7.10 6.89
C ILE B 93 -6.73 -5.59 7.24
N GLN B 94 -6.20 -4.73 6.39
CA GLN B 94 -6.42 -3.30 6.49
C GLN B 94 -7.94 -3.10 6.39
N ASP B 95 -8.49 -2.31 7.31
CA ASP B 95 -9.88 -1.99 7.35
C ASP B 95 -10.09 -0.73 6.56
N PRO B 96 -10.84 -0.83 5.45
CA PRO B 96 -11.01 0.30 4.53
C PRO B 96 -11.55 1.56 5.22
N LYS B 97 -12.46 1.39 6.19
CA LYS B 97 -13.03 2.49 6.95
C LYS B 97 -11.98 3.31 7.69
N GLU B 98 -11.00 2.64 8.25
CA GLU B 98 -9.96 3.33 9.03
C GLU B 98 -9.02 4.02 8.08
N MET B 99 -8.67 3.31 7.01
CA MET B 99 -7.76 3.84 6.02
C MET B 99 -8.24 5.18 5.46
N PHE B 100 -9.50 5.23 5.06
CA PHE B 100 -10.03 6.44 4.46
C PHE B 100 -10.03 7.65 5.43
N ARG B 101 -9.83 7.42 6.72
CA ARG B 101 -9.87 8.53 7.71
C ARG B 101 -8.81 9.60 7.45
N VAL B 102 -7.65 9.18 6.95
CA VAL B 102 -6.60 10.09 6.50
C VAL B 102 -7.06 11.07 5.39
N LEU B 103 -8.18 10.78 4.74
CA LEU B 103 -8.60 11.58 3.59
C LEU B 103 -9.30 12.89 4.00
N PRO B 104 -9.39 13.87 3.11
CA PRO B 104 -10.06 15.13 3.47
C PRO B 104 -11.46 14.80 3.99
N GLU B 105 -11.95 15.57 4.94
CA GLU B 105 -13.32 15.42 5.43
C GLU B 105 -14.38 15.43 4.29
N ALA B 106 -14.15 16.33 3.33
CA ALA B 106 -15.00 16.48 2.12
C ALA B 106 -15.28 15.22 1.27
N THR B 107 -14.36 14.25 1.27
CA THR B 107 -14.41 12.99 0.47
C THR B 107 -14.99 11.79 1.25
N GLN B 108 -15.06 11.94 2.58
CA GLN B 108 -15.47 10.83 3.44
C GLN B 108 -16.87 10.26 3.18
N ARG B 109 -17.89 11.13 3.14
CA ARG B 109 -19.24 10.67 2.83
C ARG B 109 -19.28 9.97 1.50
N ALA B 110 -18.71 10.55 0.44
CA ALA B 110 -18.82 9.90 -0.87
C ALA B 110 -18.17 8.51 -0.88
N LEU B 111 -17.08 8.38 -0.09
CA LEU B 111 -16.34 7.12 0.00
C LEU B 111 -16.91 6.08 0.92
N ALA B 112 -17.77 6.47 1.86
CA ALA B 112 -18.27 5.58 2.92
C ALA B 112 -18.92 4.29 2.38
N PRO B 113 -19.76 4.34 1.35
CA PRO B 113 -20.37 3.08 0.90
C PRO B 113 -19.42 2.21 0.17
N VAL B 114 -18.42 2.78 -0.54
CA VAL B 114 -17.46 1.83 -1.10
C VAL B 114 -16.63 1.16 0.03
N ALA B 115 -16.20 1.93 1.06
CA ALA B 115 -15.50 1.37 2.22
C ALA B 115 -16.33 0.34 2.99
N GLU B 116 -17.62 0.59 3.16
CA GLU B 116 -18.52 -0.38 3.87
C GLU B 116 -18.61 -1.70 3.11
N GLU B 117 -18.80 -1.60 1.81
CA GLU B 117 -18.87 -2.79 0.96
C GLU B 117 -17.57 -3.61 0.98
N ALA B 118 -16.42 -2.91 0.86
CA ALA B 118 -15.09 -3.56 0.95
C ALA B 118 -14.91 -4.31 2.28
N ARG B 119 -15.16 -3.59 3.38
CA ARG B 119 -14.99 -4.11 4.71
C ARG B 119 -15.93 -5.30 4.90
N THR B 120 -17.18 -5.22 4.44
CA THR B 120 -18.03 -6.45 4.59
C THR B 120 -17.53 -7.65 3.83
N ARG B 121 -17.04 -7.45 2.62
CA ARG B 121 -16.41 -8.55 1.91
C ARG B 121 -15.15 -9.13 2.55
N LEU B 122 -14.24 -8.25 2.96
CA LEU B 122 -13.01 -8.65 3.68
C LEU B 122 -13.31 -9.43 4.98
N SER B 123 -14.21 -8.90 5.84
CA SER B 123 -14.54 -9.58 7.12
C SER B 123 -15.20 -10.90 6.87
N ARG B 124 -15.98 -11.01 5.76
CA ARG B 124 -16.48 -12.31 5.33
C ARG B 124 -15.39 -13.28 4.99
N ALA B 125 -14.44 -12.87 4.14
CA ALA B 125 -13.28 -13.70 3.84
C ALA B 125 -12.49 -14.11 5.12
N LEU B 126 -12.29 -13.17 6.03
CA LEU B 126 -11.55 -13.43 7.27
C LEU B 126 -12.31 -14.45 8.15
N SER B 127 -13.63 -14.30 8.21
CA SER B 127 -14.44 -15.23 8.99
C SER B 127 -14.38 -16.71 8.52
N ARG B 128 -14.03 -16.95 7.25
CA ARG B 128 -14.04 -18.30 6.68
C ARG B 128 -12.71 -19.06 6.79
N LEU B 129 -11.66 -18.35 7.20
CA LEU B 129 -10.31 -18.90 7.42
C LEU B 129 -10.18 -19.89 8.58
#